data_8R0W
#
_entry.id   8R0W
#
_cell.length_a   96.241
_cell.length_b   96.241
_cell.length_c   79.837
_cell.angle_alpha   90.000
_cell.angle_beta   90.000
_cell.angle_gamma   120.000
#
_symmetry.space_group_name_H-M   'P 65'
#
loop_
_entity.id
_entity.type
_entity.pdbx_description
1 polymer 'Serine/threonine-protein kinase pim-1'
2 polymer Pimtide
3 non-polymer 1,2-ETHANEDIOL
4 non-polymer GLYCEROL
5 non-polymer 5-bromobenzo[d]oxazol-2-amine
6 water water
#
loop_
_entity_poly.entity_id
_entity_poly.type
_entity_poly.pdbx_seq_one_letter_code
_entity_poly.pdbx_strand_id
1 'polypeptide(L)'
;SMLLSKINSLAHLRAAPCNDLHATKLAPGKEKEPLESQYQVGPLLGSGGFGSVYSGIRVSDNLPVAIKHVEKDRISDWGE
LPNGTRVPMEVVLLKKVSSGFSGVIRLLDWFERPDSFVLILERPEPVQDLFDFITERGALQEELARSFFWQVLEAVRHCH
NCGVLHRDIKDENILIDLNRGELKLIDFGSGALLKDTVYTDFDGTRVYSPPEWIRYHRYHGRSAAVWSLGILLYDMVCGD
IPFEHDEEIIGGQVFFRQRVS(SEP)ECQHLIRWCLALRPSDRPTFEEIQNHPWMQDVLLPQETAEIHLHSLSPGPS
;
A
2 'polypeptide(L)' ARKRRRHPSGPPTA B
#
# COMPACT_ATOMS: atom_id res chain seq x y z
N PRO A 34 17.89 -24.12 -3.79
CA PRO A 34 17.92 -24.26 -2.32
C PRO A 34 18.00 -22.92 -1.61
N LEU A 35 17.12 -22.71 -0.63
CA LEU A 35 17.01 -21.42 0.05
C LEU A 35 18.25 -21.09 0.87
N GLU A 36 18.52 -21.88 1.91
CA GLU A 36 19.63 -21.57 2.82
C GLU A 36 20.98 -21.57 2.10
N SER A 37 21.09 -22.26 0.97
CA SER A 37 22.33 -22.33 0.21
C SER A 37 22.48 -21.23 -0.82
N GLN A 38 21.43 -20.45 -1.06
CA GLN A 38 21.49 -19.34 -2.01
C GLN A 38 21.40 -17.98 -1.34
N TYR A 39 20.97 -17.91 -0.09
CA TYR A 39 20.86 -16.67 0.66
C TYR A 39 21.45 -16.85 2.04
N GLN A 40 22.20 -15.85 2.49
CA GLN A 40 22.50 -15.73 3.92
C GLN A 40 21.26 -15.11 4.57
N VAL A 41 20.73 -15.78 5.58
CA VAL A 41 19.52 -15.33 6.26
C VAL A 41 19.92 -14.66 7.58
N GLY A 42 19.39 -13.47 7.80
CA GLY A 42 19.65 -12.74 9.01
C GLY A 42 18.44 -12.75 9.92
N PRO A 43 18.37 -11.78 10.82
CA PRO A 43 17.32 -11.78 11.83
C PRO A 43 15.98 -11.28 11.29
N LEU A 44 14.95 -11.46 12.11
CA LEU A 44 13.62 -10.96 11.84
C LEU A 44 13.63 -9.46 11.59
N LEU A 45 12.90 -9.03 10.56
CA LEU A 45 12.67 -7.60 10.29
C LEU A 45 11.43 -7.13 11.02
N GLY A 46 11.51 -5.93 11.61
CA GLY A 46 10.34 -5.30 12.21
C GLY A 46 9.68 -6.07 13.33
N SER A 47 10.36 -7.05 13.93
CA SER A 47 9.83 -7.86 15.03
C SER A 47 8.50 -8.54 14.71
N GLY A 48 8.30 -8.93 13.44
CA GLY A 48 7.08 -9.59 13.03
C GLY A 48 5.98 -8.68 12.50
N GLY A 49 6.18 -7.37 12.57
CA GLY A 49 5.15 -6.42 12.18
C GLY A 49 4.82 -6.44 10.70
N PHE A 50 5.72 -6.98 9.87
CA PHE A 50 5.50 -7.17 8.44
C PHE A 50 5.01 -8.58 8.11
N GLY A 51 4.85 -9.44 9.11
CA GLY A 51 4.76 -10.86 8.89
C GLY A 51 6.07 -11.53 9.21
N SER A 52 6.23 -12.75 8.72
CA SER A 52 7.47 -13.48 8.97
C SER A 52 8.46 -13.06 7.89
N VAL A 53 9.06 -11.89 8.10
CA VAL A 53 9.96 -11.27 7.13
C VAL A 53 11.31 -11.13 7.79
N TYR A 54 12.36 -11.68 7.16
CA TYR A 54 13.70 -11.70 7.70
C TYR A 54 14.64 -10.97 6.76
N SER A 55 15.68 -10.36 7.34
CA SER A 55 16.71 -9.76 6.52
C SER A 55 17.57 -10.84 5.89
N GLY A 56 18.06 -10.58 4.68
CA GLY A 56 18.86 -11.54 3.96
C GLY A 56 19.81 -10.87 3.01
N ILE A 57 20.71 -11.69 2.46
CA ILE A 57 21.68 -11.24 1.47
C ILE A 57 21.79 -12.32 0.42
N ARG A 58 21.59 -11.95 -0.85
CA ARG A 58 21.79 -12.91 -1.93
C ARG A 58 23.28 -13.18 -2.05
N VAL A 59 23.67 -14.45 -1.84
CA VAL A 59 25.10 -14.79 -1.80
C VAL A 59 25.75 -14.53 -3.15
N SER A 60 25.01 -14.76 -4.24
CA SER A 60 25.61 -14.66 -5.57
C SER A 60 26.08 -13.26 -5.92
N ASP A 61 25.60 -12.23 -5.22
CA ASP A 61 26.01 -10.88 -5.57
C ASP A 61 25.93 -9.91 -4.38
N ASN A 62 25.74 -10.44 -3.17
CA ASN A 62 25.62 -9.65 -1.95
C ASN A 62 24.47 -8.65 -1.98
N LEU A 63 23.47 -8.86 -2.84
CA LEU A 63 22.31 -7.96 -2.87
C LEU A 63 21.48 -8.12 -1.59
N PRO A 64 21.10 -7.02 -0.95
CA PRO A 64 20.20 -7.12 0.21
C PRO A 64 18.78 -7.49 -0.21
N VAL A 65 18.19 -8.46 0.50
CA VAL A 65 16.84 -8.94 0.21
C VAL A 65 16.05 -9.03 1.52
N ALA A 66 14.73 -9.04 1.39
CA ALA A 66 13.83 -9.39 2.47
C ALA A 66 13.22 -10.74 2.15
N ILE A 67 13.16 -11.62 3.14
CA ILE A 67 12.74 -13.00 2.95
C ILE A 67 11.45 -13.20 3.73
N LYS A 68 10.33 -13.35 3.03
CA LYS A 68 9.01 -13.45 3.65
C LYS A 68 8.48 -14.88 3.55
N HIS A 69 8.01 -15.40 4.68
CA HIS A 69 7.49 -16.75 4.79
C HIS A 69 5.99 -16.69 5.02
N VAL A 70 5.24 -17.50 4.28
CA VAL A 70 3.79 -17.59 4.45
C VAL A 70 3.43 -19.05 4.59
N GLU A 71 2.59 -19.34 5.57
CA GLU A 71 2.26 -20.72 5.94
C GLU A 71 1.09 -21.19 5.08
N LYS A 72 1.27 -22.34 4.40
CA LYS A 72 0.23 -22.86 3.52
C LYS A 72 -1.11 -23.00 4.24
N ASP A 73 -1.08 -23.54 5.47
CA ASP A 73 -2.30 -23.71 6.26
C ASP A 73 -3.06 -22.41 6.46
N ARG A 74 -2.36 -21.28 6.42
CA ARG A 74 -2.97 -19.99 6.71
C ARG A 74 -3.42 -19.22 5.48
N ILE A 75 -3.29 -19.80 4.29
CA ILE A 75 -3.56 -19.08 3.05
C ILE A 75 -5.01 -19.29 2.64
N SER A 76 -5.75 -18.18 2.54
CA SER A 76 -7.16 -18.25 2.20
C SER A 76 -7.42 -18.25 0.69
N ASP A 77 -6.57 -17.60 -0.09
CA ASP A 77 -6.82 -17.38 -1.52
C ASP A 77 -5.65 -17.90 -2.34
N TRP A 78 -5.96 -18.78 -3.29
CA TRP A 78 -4.98 -19.41 -4.14
C TRP A 78 -5.18 -18.99 -5.58
N GLY A 79 -4.12 -19.09 -6.37
CA GLY A 79 -4.16 -18.77 -7.79
C GLY A 79 -3.22 -19.68 -8.56
N GLU A 80 -3.19 -19.45 -9.87
CA GLU A 80 -2.32 -20.21 -10.76
C GLU A 80 -1.32 -19.27 -11.41
N LEU A 81 -0.06 -19.69 -11.43
CA LEU A 81 0.99 -18.94 -12.11
C LEU A 81 0.72 -18.97 -13.61
N PRO A 82 1.41 -18.11 -14.39
CA PRO A 82 1.25 -18.14 -15.86
C PRO A 82 1.40 -19.52 -16.47
N ASN A 83 2.08 -20.45 -15.78
CA ASN A 83 2.28 -21.80 -16.26
C ASN A 83 1.43 -22.83 -15.50
N GLY A 84 0.39 -22.37 -14.80
CA GLY A 84 -0.57 -23.26 -14.18
C GLY A 84 -0.23 -23.74 -12.78
N THR A 85 0.95 -23.42 -12.26
CA THR A 85 1.33 -23.88 -10.93
C THR A 85 0.45 -23.25 -9.86
N ARG A 86 0.02 -24.06 -8.89
CA ARG A 86 -0.85 -23.59 -7.82
C ARG A 86 0.00 -22.91 -6.75
N VAL A 87 -0.18 -21.60 -6.58
CA VAL A 87 0.60 -20.82 -5.62
C VAL A 87 -0.36 -19.88 -4.88
N PRO A 88 0.09 -19.31 -3.76
CA PRO A 88 -0.71 -18.28 -3.11
C PRO A 88 -1.00 -17.12 -4.06
N MET A 89 -2.20 -16.55 -3.93
CA MET A 89 -2.56 -15.37 -4.70
C MET A 89 -1.51 -14.28 -4.55
N GLU A 90 -0.96 -14.12 -3.34
CA GLU A 90 0.06 -13.11 -3.11
C GLU A 90 1.22 -13.25 -4.10
N VAL A 91 1.63 -14.49 -4.39
CA VAL A 91 2.73 -14.68 -5.35
C VAL A 91 2.27 -14.33 -6.74
N VAL A 92 1.05 -14.74 -7.13
CA VAL A 92 0.49 -14.39 -8.44
C VAL A 92 0.54 -12.89 -8.66
N LEU A 93 0.04 -12.13 -7.69
CA LEU A 93 -0.04 -10.68 -7.83
C LEU A 93 1.35 -10.05 -7.83
N LEU A 94 2.21 -10.46 -6.90
CA LEU A 94 3.57 -9.94 -6.86
C LEU A 94 4.27 -10.17 -8.19
N LYS A 95 4.14 -11.37 -8.75
CA LYS A 95 4.80 -11.64 -10.03
C LYS A 95 4.26 -10.72 -11.12
N LYS A 96 2.97 -10.43 -11.10
CA LYS A 96 2.37 -9.57 -12.13
C LYS A 96 2.87 -8.13 -12.03
N VAL A 97 3.13 -7.61 -10.82
CA VAL A 97 3.57 -6.22 -10.71
C VAL A 97 5.09 -6.07 -10.64
N SER A 98 5.84 -7.17 -10.58
CA SER A 98 7.26 -7.09 -10.34
C SER A 98 8.09 -7.02 -11.62
N SER A 99 7.44 -6.90 -12.77
CA SER A 99 8.17 -6.74 -14.03
C SER A 99 8.49 -5.26 -14.23
N GLY A 100 9.77 -4.94 -14.37
CA GLY A 100 10.19 -3.57 -14.58
C GLY A 100 10.28 -2.79 -13.27
N PHE A 101 10.63 -1.52 -13.40
CA PHE A 101 10.75 -0.64 -12.25
C PHE A 101 9.39 -0.06 -11.88
N SER A 102 9.16 0.11 -10.58
CA SER A 102 7.90 0.68 -10.13
C SER A 102 8.02 1.04 -8.65
N GLY A 103 6.99 1.68 -8.14
CA GLY A 103 6.89 1.97 -6.72
C GLY A 103 6.32 0.80 -5.93
N VAL A 104 6.71 -0.43 -6.26
CA VAL A 104 6.31 -1.63 -5.52
C VAL A 104 7.56 -2.41 -5.15
N ILE A 105 7.61 -2.93 -3.92
CA ILE A 105 8.67 -3.86 -3.56
C ILE A 105 8.52 -5.09 -4.44
N ARG A 106 9.56 -5.38 -5.22
CA ARG A 106 9.50 -6.42 -6.24
C ARG A 106 9.88 -7.79 -5.70
N LEU A 107 9.17 -8.80 -6.21
CA LEU A 107 9.48 -10.20 -5.95
C LEU A 107 10.60 -10.65 -6.87
N LEU A 108 11.73 -11.05 -6.28
CA LEU A 108 12.90 -11.44 -7.06
C LEU A 108 12.94 -12.94 -7.32
N ASP A 109 12.38 -13.74 -6.42
CA ASP A 109 12.33 -15.19 -6.56
C ASP A 109 11.37 -15.69 -5.49
N TRP A 110 11.03 -16.97 -5.59
CA TRP A 110 10.20 -17.61 -4.58
C TRP A 110 10.50 -19.10 -4.58
N PHE A 111 10.13 -19.76 -3.47
CA PHE A 111 10.39 -21.18 -3.25
C PHE A 111 9.18 -21.80 -2.57
N GLU A 112 8.91 -23.06 -2.88
CA GLU A 112 7.90 -23.82 -2.17
C GLU A 112 8.57 -24.78 -1.19
N ARG A 113 8.06 -24.83 0.03
CA ARG A 113 8.51 -25.76 1.06
C ARG A 113 7.35 -26.67 1.40
N PRO A 114 7.57 -27.73 2.20
CA PRO A 114 6.44 -28.63 2.53
C PRO A 114 5.23 -27.92 3.11
N ASP A 115 5.45 -26.97 4.03
CA ASP A 115 4.36 -26.32 4.74
C ASP A 115 4.27 -24.82 4.48
N SER A 116 5.05 -24.28 3.54
CA SER A 116 5.10 -22.84 3.37
C SER A 116 5.63 -22.48 1.99
N PHE A 117 5.50 -21.20 1.66
CA PHE A 117 6.14 -20.56 0.52
C PHE A 117 7.08 -19.48 1.05
N VAL A 118 8.21 -19.31 0.37
CA VAL A 118 9.24 -18.34 0.75
C VAL A 118 9.38 -17.35 -0.39
N LEU A 119 9.31 -16.06 -0.07
CA LEU A 119 9.32 -14.99 -1.06
C LEU A 119 10.58 -14.16 -0.87
N ILE A 120 11.34 -13.97 -1.95
CA ILE A 120 12.55 -13.15 -1.92
C ILE A 120 12.20 -11.78 -2.49
N LEU A 121 12.30 -10.74 -1.65
CA LEU A 121 11.90 -9.40 -2.03
C LEU A 121 13.09 -8.46 -1.99
N GLU A 122 12.98 -7.37 -2.74
CA GLU A 122 13.92 -6.27 -2.60
C GLU A 122 13.94 -5.79 -1.16
N ARG A 123 15.10 -5.29 -0.72
CA ARG A 123 15.20 -4.63 0.57
C ARG A 123 15.95 -3.32 0.37
N PRO A 124 15.24 -2.23 0.11
CA PRO A 124 15.91 -0.93 0.11
C PRO A 124 16.42 -0.59 1.50
N GLU A 125 17.42 0.27 1.55
CA GLU A 125 18.03 0.65 2.81
C GLU A 125 18.62 2.03 2.67
N PRO A 126 18.38 2.96 3.63
CA PRO A 126 17.55 2.82 4.82
C PRO A 126 16.07 3.06 4.50
N VAL A 127 15.17 2.49 5.30
CA VAL A 127 13.73 2.54 5.06
C VAL A 127 13.03 2.85 6.37
N GLN A 128 11.89 3.53 6.28
CA GLN A 128 10.94 3.61 7.38
C GLN A 128 9.55 3.50 6.77
N ASP A 129 8.66 2.77 7.43
CA ASP A 129 7.34 2.71 6.82
C ASP A 129 6.58 4.01 7.11
N LEU A 130 5.60 4.28 6.26
CA LEU A 130 4.92 5.58 6.33
C LEU A 130 4.10 5.73 7.60
N PHE A 131 3.60 4.63 8.17
CA PHE A 131 2.91 4.76 9.46
C PHE A 131 3.86 5.33 10.52
N ASP A 132 5.05 4.73 10.68
CA ASP A 132 6.00 5.21 11.68
C ASP A 132 6.49 6.62 11.34
N PHE A 133 6.68 6.90 10.06
CA PHE A 133 7.12 8.23 9.64
C PHE A 133 6.14 9.30 10.08
N ILE A 134 4.84 9.06 9.87
CA ILE A 134 3.81 10.03 10.24
C ILE A 134 3.67 10.12 11.76
N THR A 135 3.74 8.99 12.45
CA THR A 135 3.75 9.04 13.92
C THR A 135 4.88 9.92 14.43
N GLU A 136 6.08 9.77 13.87
CA GLU A 136 7.23 10.49 14.42
C GLU A 136 7.21 11.97 14.00
N ARG A 137 6.77 12.26 12.80
CA ARG A 137 6.85 13.63 12.31
C ARG A 137 5.54 14.39 12.46
N GLY A 138 4.43 13.71 12.73
CA GLY A 138 3.15 14.38 12.79
C GLY A 138 2.62 14.62 11.39
N ALA A 139 1.60 15.48 11.31
CA ALA A 139 1.04 15.84 10.00
C ALA A 139 2.13 16.36 9.07
N LEU A 140 2.15 15.89 7.84
CA LEU A 140 3.18 16.29 6.89
C LEU A 140 2.83 17.61 6.20
N GLN A 141 3.86 18.45 5.97
CA GLN A 141 3.71 19.58 5.06
C GLN A 141 3.05 19.13 3.77
N GLU A 142 2.21 20.02 3.20
CA GLU A 142 1.47 19.61 2.01
C GLU A 142 2.40 19.31 0.83
N GLU A 143 3.49 20.07 0.69
CA GLU A 143 4.45 19.77 -0.37
C GLU A 143 4.96 18.33 -0.26
N LEU A 144 5.20 17.86 0.96
CA LEU A 144 5.70 16.49 1.15
C LEU A 144 4.57 15.49 0.94
N ALA A 145 3.38 15.77 1.49
CA ALA A 145 2.24 14.91 1.24
C ALA A 145 1.95 14.80 -0.25
N ARG A 146 2.07 15.91 -0.99
CA ARG A 146 1.81 15.87 -2.44
C ARG A 146 2.76 14.90 -3.14
N SER A 147 4.06 15.00 -2.82
CA SER A 147 5.04 14.14 -3.44
C SER A 147 4.77 12.68 -3.09
N PHE A 148 4.50 12.41 -1.80
CA PHE A 148 4.22 11.03 -1.38
C PHE A 148 2.94 10.50 -2.05
N PHE A 149 1.86 11.30 -2.01
CA PHE A 149 0.58 10.83 -2.55
C PHE A 149 0.69 10.57 -4.04
N TRP A 150 1.38 11.47 -4.76
CA TRP A 150 1.62 11.27 -6.18
C TRP A 150 2.30 9.93 -6.45
N GLN A 151 3.37 9.63 -5.70
CA GLN A 151 4.06 8.37 -5.93
C GLN A 151 3.17 7.19 -5.62
N VAL A 152 2.30 7.33 -4.62
CA VAL A 152 1.38 6.24 -4.34
C VAL A 152 0.37 6.08 -5.48
N LEU A 153 -0.12 7.19 -6.02
CA LEU A 153 -1.02 7.11 -7.17
C LEU A 153 -0.35 6.39 -8.34
N GLU A 154 0.89 6.78 -8.66
CA GLU A 154 1.58 6.15 -9.77
C GLU A 154 1.77 4.65 -9.52
N ALA A 155 2.06 4.25 -8.27
CA ALA A 155 2.27 2.84 -7.95
C ALA A 155 0.97 2.04 -8.04
N VAL A 156 -0.13 2.62 -7.57
CA VAL A 156 -1.42 1.95 -7.69
C VAL A 156 -1.84 1.85 -9.17
N ARG A 157 -1.59 2.91 -9.95
CA ARG A 157 -1.88 2.83 -11.38
C ARG A 157 -1.08 1.72 -12.03
N HIS A 158 0.19 1.57 -11.63
CA HIS A 158 1.02 0.48 -12.12
C HIS A 158 0.38 -0.88 -11.83
N CYS A 159 -0.05 -1.07 -10.58
CA CYS A 159 -0.70 -2.33 -10.21
C CYS A 159 -1.92 -2.60 -11.07
N HIS A 160 -2.80 -1.60 -11.18
CA HIS A 160 -4.01 -1.78 -11.99
C HIS A 160 -3.67 -2.08 -13.44
N ASN A 161 -2.67 -1.38 -14.00
CA ASN A 161 -2.25 -1.64 -15.38
C ASN A 161 -1.71 -3.06 -15.55
N CYS A 162 -1.16 -3.64 -14.49
CA CYS A 162 -0.69 -5.03 -14.49
C CYS A 162 -1.79 -6.03 -14.15
N GLY A 163 -3.02 -5.59 -13.92
CA GLY A 163 -4.11 -6.50 -13.61
C GLY A 163 -4.26 -6.86 -12.14
N VAL A 164 -3.76 -6.02 -11.24
CA VAL A 164 -3.67 -6.33 -9.82
C VAL A 164 -4.37 -5.24 -9.01
N LEU A 165 -5.24 -5.65 -8.10
CA LEU A 165 -5.90 -4.77 -7.15
C LEU A 165 -5.32 -5.04 -5.75
N HIS A 166 -4.75 -4.01 -5.12
CA HIS A 166 -4.04 -4.23 -3.86
C HIS A 166 -5.01 -4.51 -2.70
N ARG A 167 -6.08 -3.72 -2.59
CA ARG A 167 -7.14 -3.85 -1.58
C ARG A 167 -6.70 -3.62 -0.13
N ASP A 168 -5.49 -3.11 0.12
CA ASP A 168 -5.10 -2.80 1.49
C ASP A 168 -4.14 -1.61 1.50
N ILE A 169 -4.45 -0.59 0.70
CA ILE A 169 -3.66 0.64 0.69
C ILE A 169 -3.81 1.33 2.04
N LYS A 170 -2.69 1.54 2.73
CA LYS A 170 -2.67 2.27 3.99
C LYS A 170 -1.22 2.65 4.27
N ASP A 171 -1.02 3.57 5.23
CA ASP A 171 0.35 4.02 5.50
C ASP A 171 1.24 2.87 5.99
N GLU A 172 0.68 1.89 6.71
CA GLU A 172 1.49 0.76 7.15
C GLU A 172 2.05 -0.06 6.01
N ASN A 173 1.39 -0.03 4.83
CA ASN A 173 1.82 -0.83 3.68
C ASN A 173 2.60 -0.02 2.66
N ILE A 174 3.27 1.05 3.09
CA ILE A 174 4.07 1.89 2.24
C ILE A 174 5.41 2.08 2.92
N LEU A 175 6.50 1.75 2.21
CA LEU A 175 7.86 1.95 2.69
C LEU A 175 8.42 3.20 2.04
N ILE A 176 9.17 3.99 2.80
CA ILE A 176 9.88 5.14 2.28
C ILE A 176 11.35 4.79 2.18
N ASP A 177 11.91 4.82 0.97
CA ASP A 177 13.36 4.81 0.81
C ASP A 177 13.87 6.20 1.18
N LEU A 178 14.45 6.32 2.37
CA LEU A 178 14.79 7.64 2.91
C LEU A 178 15.90 8.32 2.10
N ASN A 179 16.78 7.56 1.46
CA ASN A 179 17.87 8.18 0.73
C ASN A 179 17.45 8.60 -0.67
N ARG A 180 16.57 7.83 -1.31
CA ARG A 180 16.14 8.13 -2.67
C ARG A 180 14.82 8.88 -2.73
N GLY A 181 14.10 9.00 -1.62
CA GLY A 181 12.81 9.68 -1.64
C GLY A 181 11.75 8.94 -2.44
N GLU A 182 11.86 7.60 -2.51
CA GLU A 182 10.94 6.77 -3.28
C GLU A 182 10.09 5.94 -2.34
N LEU A 183 8.79 5.89 -2.63
CA LEU A 183 7.85 5.10 -1.85
C LEU A 183 7.59 3.77 -2.53
N LYS A 184 7.44 2.71 -1.72
CA LYS A 184 7.26 1.36 -2.24
C LYS A 184 6.07 0.70 -1.55
N LEU A 185 5.13 0.20 -2.35
CA LEU A 185 3.97 -0.54 -1.83
C LEU A 185 4.36 -1.97 -1.43
N ILE A 186 3.81 -2.44 -0.31
CA ILE A 186 4.06 -3.79 0.17
C ILE A 186 2.75 -4.47 0.53
N ASP A 187 2.85 -5.79 0.70
CA ASP A 187 1.83 -6.66 1.27
C ASP A 187 0.59 -6.76 0.40
N PHE A 188 0.65 -7.64 -0.61
CA PHE A 188 -0.45 -7.97 -1.48
C PHE A 188 -1.27 -9.15 -0.94
N GLY A 189 -1.10 -9.49 0.34
CA GLY A 189 -1.77 -10.62 0.96
C GLY A 189 -3.29 -10.52 1.01
N SER A 190 -3.86 -9.33 0.81
CA SER A 190 -5.30 -9.15 0.73
C SER A 190 -5.74 -8.76 -0.67
N GLY A 191 -4.86 -8.86 -1.66
CA GLY A 191 -5.15 -8.40 -3.00
C GLY A 191 -6.03 -9.36 -3.78
N ALA A 192 -6.22 -9.02 -5.05
CA ALA A 192 -7.02 -9.82 -5.96
C ALA A 192 -6.65 -9.42 -7.38
N LEU A 193 -6.91 -10.32 -8.34
CA LEU A 193 -6.84 -9.91 -9.73
C LEU A 193 -7.82 -8.78 -9.95
N LEU A 194 -7.41 -7.78 -10.73
CA LEU A 194 -8.31 -6.67 -11.01
C LEU A 194 -9.41 -7.12 -11.96
N LYS A 195 -10.66 -6.84 -11.59
CA LYS A 195 -11.79 -7.12 -12.48
C LYS A 195 -12.71 -5.91 -12.47
N ASP A 196 -13.56 -5.83 -13.49
CA ASP A 196 -14.52 -4.74 -13.60
C ASP A 196 -15.87 -5.07 -12.99
N THR A 197 -16.08 -6.32 -12.57
CA THR A 197 -17.31 -6.77 -11.94
C THR A 197 -17.22 -6.54 -10.42
N VAL A 198 -18.31 -6.84 -9.72
CA VAL A 198 -18.41 -6.46 -8.31
C VAL A 198 -17.61 -7.44 -7.45
N TYR A 199 -17.00 -6.92 -6.39
CA TYR A 199 -16.35 -7.72 -5.36
C TYR A 199 -17.30 -7.91 -4.17
N THR A 200 -17.41 -9.14 -3.69
CA THR A 200 -18.22 -9.43 -2.51
C THR A 200 -17.39 -9.97 -1.35
N ASP A 201 -16.06 -10.04 -1.48
CA ASP A 201 -15.15 -10.48 -0.44
C ASP A 201 -14.19 -9.35 -0.12
N PHE A 202 -13.73 -9.29 1.13
CA PHE A 202 -12.75 -8.27 1.53
C PHE A 202 -12.07 -8.70 2.82
N ASP A 203 -10.72 -8.62 2.83
CA ASP A 203 -9.91 -8.98 3.99
C ASP A 203 -8.85 -7.92 4.28
N GLY A 204 -9.01 -6.71 3.73
CA GLY A 204 -8.09 -5.61 4.02
C GLY A 204 -8.43 -4.92 5.32
N THR A 205 -8.02 -3.66 5.44
CA THR A 205 -8.14 -2.93 6.70
C THR A 205 -9.46 -2.18 6.74
N ARG A 206 -10.27 -2.47 7.75
CA ARG A 206 -11.66 -1.99 7.76
C ARG A 206 -11.75 -0.47 7.82
N VAL A 207 -10.87 0.18 8.58
CA VAL A 207 -10.96 1.65 8.68
C VAL A 207 -10.51 2.35 7.40
N TYR A 208 -9.93 1.62 6.44
CA TYR A 208 -9.68 2.17 5.11
C TYR A 208 -10.70 1.70 4.08
N SER A 209 -11.71 0.90 4.50
CA SER A 209 -12.63 0.31 3.54
C SER A 209 -13.81 1.25 3.30
N PRO A 210 -14.48 1.13 2.15
CA PRO A 210 -15.43 2.17 1.75
C PRO A 210 -16.81 1.91 2.32
N PRO A 211 -17.66 2.94 2.38
CA PRO A 211 -19.00 2.75 2.97
C PRO A 211 -19.83 1.69 2.29
N GLU A 212 -19.71 1.52 0.98
CA GLU A 212 -20.51 0.49 0.32
C GLU A 212 -20.07 -0.90 0.75
N TRP A 213 -18.81 -1.07 1.19
CA TRP A 213 -18.41 -2.33 1.80
C TRP A 213 -19.07 -2.51 3.17
N ILE A 214 -18.96 -1.48 4.02
CA ILE A 214 -19.56 -1.54 5.35
C ILE A 214 -21.05 -1.85 5.26
N ARG A 215 -21.75 -1.19 4.33
CA ARG A 215 -23.21 -1.27 4.31
C ARG A 215 -23.72 -2.48 3.54
N TYR A 216 -23.13 -2.78 2.38
CA TYR A 216 -23.70 -3.79 1.49
C TYR A 216 -22.78 -4.97 1.22
N HIS A 217 -21.54 -4.93 1.70
CA HIS A 217 -20.56 -5.98 1.43
C HIS A 217 -20.35 -6.18 -0.07
N ARG A 218 -20.38 -5.06 -0.82
CA ARG A 218 -20.20 -5.02 -2.26
C ARG A 218 -19.42 -3.77 -2.61
N TYR A 219 -18.44 -3.90 -3.49
CA TYR A 219 -17.68 -2.74 -3.94
C TYR A 219 -17.08 -3.06 -5.29
N HIS A 220 -16.75 -2.01 -6.04
CA HIS A 220 -15.95 -2.16 -7.25
C HIS A 220 -14.53 -1.68 -6.97
N GLY A 221 -13.58 -2.29 -7.69
CA GLY A 221 -12.18 -2.19 -7.27
C GLY A 221 -11.64 -0.77 -7.29
N ARG A 222 -11.83 -0.07 -8.41
CA ARG A 222 -11.16 1.21 -8.59
C ARG A 222 -11.74 2.26 -7.65
N SER A 223 -13.07 2.31 -7.53
CA SER A 223 -13.65 3.34 -6.67
C SER A 223 -13.39 3.03 -5.20
N ALA A 224 -13.30 1.75 -4.84
CA ALA A 224 -12.90 1.43 -3.47
C ALA A 224 -11.45 1.85 -3.21
N ALA A 225 -10.56 1.64 -4.19
CA ALA A 225 -9.18 2.09 -4.01
C ALA A 225 -9.11 3.59 -3.82
N VAL A 226 -9.89 4.34 -4.59
CA VAL A 226 -9.91 5.80 -4.47
C VAL A 226 -10.35 6.22 -3.07
N TRP A 227 -11.36 5.54 -2.52
CA TRP A 227 -11.75 5.83 -1.14
C TRP A 227 -10.57 5.65 -0.19
N SER A 228 -9.88 4.51 -0.28
CA SER A 228 -8.74 4.26 0.61
C SER A 228 -7.64 5.31 0.42
N LEU A 229 -7.49 5.82 -0.79
CA LEU A 229 -6.52 6.87 -1.04
C LEU A 229 -6.94 8.19 -0.41
N GLY A 230 -8.25 8.46 -0.36
CA GLY A 230 -8.72 9.62 0.40
C GLY A 230 -8.38 9.50 1.88
N ILE A 231 -8.59 8.30 2.46
CA ILE A 231 -8.24 8.06 3.85
C ILE A 231 -6.74 8.30 4.05
N LEU A 232 -5.92 7.79 3.12
CA LEU A 232 -4.47 7.94 3.22
C LEU A 232 -4.04 9.39 3.14
N LEU A 233 -4.65 10.16 2.23
CA LEU A 233 -4.27 11.57 2.10
C LEU A 233 -4.64 12.36 3.35
N TYR A 234 -5.84 12.15 3.88
CA TYR A 234 -6.18 12.76 5.15
C TYR A 234 -5.15 12.38 6.22
N ASP A 235 -4.84 11.10 6.32
CA ASP A 235 -3.80 10.61 7.23
C ASP A 235 -2.51 11.43 7.12
N MET A 236 -2.06 11.68 5.88
CA MET A 236 -0.80 12.39 5.68
C MET A 236 -0.87 13.84 6.16
N VAL A 237 -1.93 14.57 5.77
CA VAL A 237 -1.97 16.00 6.07
C VAL A 237 -2.55 16.28 7.45
N CYS A 238 -3.20 15.30 8.09
CA CYS A 238 -3.75 15.54 9.41
C CYS A 238 -3.03 14.78 10.52
N GLY A 239 -2.18 13.81 10.20
CA GLY A 239 -1.46 13.08 11.21
C GLY A 239 -2.11 11.80 11.68
N ASP A 240 -3.38 11.57 11.34
CA ASP A 240 -4.03 10.30 11.60
C ASP A 240 -5.25 10.21 10.70
N ILE A 241 -5.79 8.99 10.59
CA ILE A 241 -6.90 8.69 9.70
C ILE A 241 -8.16 9.37 10.23
N PRO A 242 -9.13 9.69 9.39
CA PRO A 242 -10.32 10.43 9.86
C PRO A 242 -11.32 9.58 10.63
N PHE A 243 -11.47 8.30 10.29
CA PHE A 243 -12.55 7.49 10.81
C PHE A 243 -12.00 6.31 11.58
N GLU A 244 -12.57 6.05 12.76
CA GLU A 244 -12.28 4.81 13.49
C GLU A 244 -13.46 3.86 13.60
N HIS A 245 -14.69 4.32 13.38
CA HIS A 245 -15.89 3.52 13.62
C HIS A 245 -16.75 3.42 12.37
N ASP A 246 -17.49 2.31 12.25
CA ASP A 246 -18.37 2.13 11.09
C ASP A 246 -19.30 3.32 10.88
N GLU A 247 -19.84 3.88 11.96
CA GLU A 247 -20.76 5.00 11.83
C GLU A 247 -20.09 6.21 11.21
N GLU A 248 -18.80 6.41 11.50
CA GLU A 248 -18.05 7.52 10.89
C GLU A 248 -17.77 7.25 9.42
N ILE A 249 -17.45 6.01 9.07
CA ILE A 249 -17.20 5.67 7.67
C ILE A 249 -18.43 5.97 6.82
N ILE A 250 -19.60 5.52 7.28
CA ILE A 250 -20.81 5.71 6.47
C ILE A 250 -21.48 7.04 6.70
N GLY A 251 -21.03 7.84 7.68
CA GLY A 251 -21.69 9.09 7.98
C GLY A 251 -21.45 10.21 6.99
N GLY A 252 -20.32 10.21 6.32
CA GLY A 252 -20.10 11.20 5.27
C GLY A 252 -19.64 12.56 5.70
N GLN A 253 -19.18 12.74 6.94
CA GLN A 253 -18.69 14.03 7.41
C GLN A 253 -17.19 13.94 7.67
N VAL A 254 -16.44 14.89 7.13
CA VAL A 254 -14.99 14.90 7.27
C VAL A 254 -14.61 16.15 8.05
N PHE A 255 -14.21 15.97 9.30
CA PHE A 255 -13.71 17.05 10.13
C PHE A 255 -12.19 17.13 9.99
N PHE A 256 -11.66 18.32 9.74
CA PHE A 256 -10.22 18.51 9.59
C PHE A 256 -9.62 19.00 10.90
N ARG A 257 -8.75 18.19 11.47
CA ARG A 257 -8.18 18.45 12.80
C ARG A 257 -6.90 19.26 12.73
N GLN A 258 -6.40 19.54 11.52
CA GLN A 258 -5.21 20.34 11.32
C GLN A 258 -5.50 21.31 10.19
N ARG A 259 -4.67 22.34 10.10
N ARG A 259 -4.68 22.34 10.10
CA ARG A 259 -4.75 23.28 8.99
CA ARG A 259 -4.82 23.29 9.00
C ARG A 259 -4.46 22.54 7.69
C ARG A 259 -4.48 22.57 7.70
N VAL A 260 -5.43 22.54 6.77
CA VAL A 260 -5.28 21.91 5.46
C VAL A 260 -5.84 22.86 4.41
N SER A 261 -5.11 23.06 3.32
CA SER A 261 -5.51 24.02 2.28
C SER A 261 -6.89 23.63 1.73
N GLU A 263 -7.83 23.54 -1.39
CA GLU A 263 -7.68 22.64 -2.54
C GLU A 263 -7.46 21.20 -2.07
N CYS A 264 -6.66 21.04 -1.01
CA CYS A 264 -6.42 19.69 -0.47
C CYS A 264 -7.69 19.13 0.19
N GLN A 265 -8.37 19.95 1.00
CA GLN A 265 -9.65 19.51 1.57
C GLN A 265 -10.62 19.07 0.47
N HIS A 266 -10.66 19.81 -0.64
CA HIS A 266 -11.60 19.47 -1.71
C HIS A 266 -11.29 18.09 -2.28
N LEU A 267 -10.01 17.84 -2.59
CA LEU A 267 -9.63 16.53 -3.13
C LEU A 267 -9.97 15.41 -2.16
N ILE A 268 -9.60 15.57 -0.89
CA ILE A 268 -9.92 14.56 0.11
C ILE A 268 -11.42 14.30 0.15
N ARG A 269 -12.22 15.35 0.21
CA ARG A 269 -13.67 15.15 0.34
C ARG A 269 -14.25 14.51 -0.91
N TRP A 270 -13.64 14.77 -2.07
CA TRP A 270 -14.08 14.15 -3.32
C TRP A 270 -13.74 12.66 -3.32
N CYS A 271 -12.51 12.29 -2.91
CA CYS A 271 -12.14 10.87 -2.78
C CYS A 271 -13.03 10.14 -1.79
N LEU A 272 -13.51 10.84 -0.76
CA LEU A 272 -14.37 10.24 0.26
C LEU A 272 -15.84 10.52 0.02
N ALA A 273 -16.23 10.73 -1.24
CA ALA A 273 -17.65 10.76 -1.57
C ALA A 273 -18.30 9.45 -1.14
N LEU A 274 -19.46 9.53 -0.49
CA LEU A 274 -20.13 8.31 -0.01
C LEU A 274 -20.53 7.40 -1.18
N ARG A 275 -21.08 7.98 -2.26
CA ARG A 275 -21.43 7.10 -3.37
C ARG A 275 -20.24 6.90 -4.29
N PRO A 276 -19.93 5.67 -4.66
CA PRO A 276 -18.71 5.41 -5.45
C PRO A 276 -18.66 6.16 -6.76
N SER A 277 -19.80 6.30 -7.45
N SER A 277 -19.79 6.29 -7.47
CA SER A 277 -19.84 7.01 -8.72
CA SER A 277 -19.78 7.02 -8.74
C SER A 277 -19.48 8.49 -8.57
C SER A 277 -19.48 8.51 -8.58
N ASP A 278 -19.57 9.05 -7.35
CA ASP A 278 -19.26 10.45 -7.13
C ASP A 278 -17.78 10.72 -6.87
N ARG A 279 -16.96 9.66 -6.75
CA ARG A 279 -15.53 9.78 -6.50
C ARG A 279 -14.78 10.07 -7.81
N PRO A 280 -13.63 10.72 -7.73
CA PRO A 280 -12.84 10.98 -8.94
C PRO A 280 -12.23 9.69 -9.45
N THR A 281 -11.96 9.65 -10.76
CA THR A 281 -11.06 8.67 -11.32
C THR A 281 -9.61 9.01 -10.95
N PHE A 282 -8.68 8.07 -11.23
CA PHE A 282 -7.28 8.38 -11.00
C PHE A 282 -6.82 9.55 -11.88
N GLU A 283 -7.34 9.61 -13.10
CA GLU A 283 -7.02 10.75 -13.97
C GLU A 283 -7.46 12.06 -13.34
N GLU A 284 -8.68 12.09 -12.78
CA GLU A 284 -9.17 13.30 -12.14
C GLU A 284 -8.38 13.65 -10.88
N ILE A 285 -7.97 12.64 -10.11
CA ILE A 285 -7.11 12.95 -8.95
C ILE A 285 -5.83 13.63 -9.40
N GLN A 286 -5.15 13.04 -10.38
CA GLN A 286 -3.85 13.56 -10.77
C GLN A 286 -3.94 14.87 -11.55
N ASN A 287 -5.11 15.18 -12.15
CA ASN A 287 -5.32 16.50 -12.74
C ASN A 287 -5.86 17.52 -11.74
N HIS A 288 -6.07 17.13 -10.48
CA HIS A 288 -6.63 18.06 -9.51
C HIS A 288 -5.66 19.22 -9.26
N PRO A 289 -6.17 20.43 -9.01
CA PRO A 289 -5.26 21.57 -8.77
C PRO A 289 -4.29 21.35 -7.62
N TRP A 290 -4.70 20.62 -6.57
CA TRP A 290 -3.79 20.40 -5.45
C TRP A 290 -2.58 19.55 -5.84
N MET A 291 -2.70 18.74 -6.89
CA MET A 291 -1.65 17.79 -7.24
C MET A 291 -0.61 18.36 -8.20
N GLN A 292 -0.75 19.59 -8.63
CA GLN A 292 0.16 20.10 -9.66
C GLN A 292 1.53 20.46 -9.09
N ASP A 293 2.54 20.45 -9.96
CA ASP A 293 3.90 20.88 -9.61
C ASP A 293 4.54 19.99 -8.54
N VAL A 294 4.37 18.67 -8.70
CA VAL A 294 4.91 17.74 -7.72
C VAL A 294 6.44 17.78 -7.73
N LEU A 295 7.04 17.53 -6.56
CA LEU A 295 8.49 17.36 -6.48
C LEU A 295 8.90 16.03 -7.09
N LEU A 296 10.12 15.98 -7.61
CA LEU A 296 10.73 14.72 -8.01
C LEU A 296 11.21 13.96 -6.77
N PRO A 297 11.40 12.64 -6.88
CA PRO A 297 11.81 11.88 -5.68
C PRO A 297 13.10 12.37 -5.06
N GLN A 298 14.12 12.66 -5.88
CA GLN A 298 15.38 13.13 -5.32
C GLN A 298 15.22 14.49 -4.65
N GLU A 299 14.43 15.39 -5.25
CA GLU A 299 14.14 16.67 -4.59
C GLU A 299 13.45 16.45 -3.24
N THR A 300 12.50 15.52 -3.21
CA THR A 300 11.79 15.19 -1.98
C THR A 300 12.75 14.73 -0.89
N ALA A 301 13.71 13.88 -1.26
CA ALA A 301 14.68 13.38 -0.28
C ALA A 301 15.54 14.51 0.25
N GLU A 302 16.06 15.36 -0.65
CA GLU A 302 16.97 16.41 -0.25
C GLU A 302 16.26 17.48 0.57
N ILE A 303 15.01 17.79 0.25
CA ILE A 303 14.31 18.83 0.99
C ILE A 303 13.79 18.31 2.33
N HIS A 304 13.19 17.11 2.34
CA HIS A 304 12.39 16.67 3.48
C HIS A 304 12.93 15.48 4.25
N LEU A 305 13.84 14.69 3.68
CA LEU A 305 14.20 13.41 4.28
C LEU A 305 15.64 13.32 4.77
N HIS A 306 16.57 14.01 4.12
CA HIS A 306 17.96 14.03 4.58
C HIS A 306 18.12 14.98 5.77
N ARG B 2 -3.87 12.65 21.42
CA ARG B 2 -4.83 11.68 20.87
C ARG B 2 -4.10 10.42 20.38
N LYS B 3 -4.53 9.26 20.88
CA LYS B 3 -3.93 8.00 20.49
C LYS B 3 -4.05 7.76 18.99
N ARG B 4 -2.98 7.23 18.42
CA ARG B 4 -2.93 6.80 17.02
C ARG B 4 -2.44 5.37 17.03
N ARG B 5 -3.08 4.51 16.24
CA ARG B 5 -2.72 3.11 16.30
C ARG B 5 -2.77 2.47 14.91
N ARG B 6 -2.06 1.36 14.79
CA ARG B 6 -2.17 0.52 13.61
C ARG B 6 -3.48 -0.26 13.67
N HIS B 7 -3.89 -0.79 12.51
CA HIS B 7 -5.11 -1.57 12.40
C HIS B 7 -4.81 -2.85 11.64
N PRO B 8 -5.19 -4.02 12.14
CA PRO B 8 -4.86 -5.26 11.46
C PRO B 8 -5.69 -5.45 10.19
N SER B 9 -5.14 -6.24 9.28
CA SER B 9 -5.85 -6.67 8.08
C SER B 9 -6.65 -7.95 8.35
#